data_1SSQ
#
_entry.id   1SSQ
#
_cell.length_a   97.524
_cell.length_b   97.524
_cell.length_c   108.457
_cell.angle_alpha   90.00
_cell.angle_beta   90.00
_cell.angle_gamma   120.00
#
_symmetry.space_group_name_H-M   'H 3'
#
loop_
_entity.id
_entity.type
_entity.pdbx_description
1 polymer 'Serine acetyltransferase'
2 non-polymer 'MAGNESIUM ION'
3 non-polymer CYSTEINE
4 water water
#
_entity_poly.entity_id   1
_entity_poly.type   'polypeptide(L)'
_entity_poly.pdbx_seq_one_letter_code
;MNLDVWQHIRQEAKELAENEPMLASFFHSTILKHQNLGGALSYLLANKLANPIMPAISLREIIEEAYQSNPSIIDCAACD
IQAVRHRDPAVELWSTPLLYLKGFHAIQSYRITHYLWNQNRKSLALYLQNQISVAFDVDIHPAAKIGHGIMFDHATGIVV
GETSVIENDVSILQGVTLGGTGKESGDRHPKVREGVMIGAGAKILGNIEVGKYAKIGANSVVLNPVPEYATAAGVPARIV
SQDKAAKPAFDMNQYFIGIDDGMNLNI
;
_entity_poly.pdbx_strand_id   A,D
#
loop_
_chem_comp.id
_chem_comp.type
_chem_comp.name
_chem_comp.formula
MG non-polymer 'MAGNESIUM ION' 'Mg 2'
#
# COMPACT_ATOMS: atom_id res chain seq x y z
N MET A 1 -3.06 25.12 -15.98
CA MET A 1 -1.57 25.09 -16.00
C MET A 1 -1.06 23.93 -15.13
N ASN A 2 -1.59 23.87 -13.92
CA ASN A 2 -1.22 22.86 -12.92
C ASN A 2 -2.42 22.61 -12.00
N LEU A 3 -2.91 23.67 -11.36
CA LEU A 3 -4.04 23.52 -10.47
C LEU A 3 -5.29 23.31 -11.31
N ASP A 4 -5.25 23.86 -12.52
CA ASP A 4 -6.36 23.72 -13.45
C ASP A 4 -6.45 22.30 -13.93
N VAL A 5 -5.28 21.70 -14.24
CA VAL A 5 -5.22 20.31 -14.73
C VAL A 5 -5.89 19.34 -13.75
N TRP A 6 -5.46 19.36 -12.49
CA TRP A 6 -6.03 18.46 -11.48
C TRP A 6 -7.50 18.72 -11.20
N GLN A 7 -7.96 19.97 -11.35
CA GLN A 7 -9.38 20.24 -11.13
C GLN A 7 -10.17 19.88 -12.36
N HIS A 8 -9.56 19.88 -13.53
CA HIS A 8 -10.31 19.47 -14.70
C HIS A 8 -10.56 17.96 -14.59
N ILE A 9 -9.54 17.26 -14.12
CA ILE A 9 -9.61 15.80 -13.98
C ILE A 9 -10.53 15.48 -12.80
N ARG A 10 -10.48 16.29 -11.73
CA ARG A 10 -11.35 16.00 -10.59
C ARG A 10 -12.79 16.15 -10.96
N GLN A 11 -13.11 17.22 -11.70
CA GLN A 11 -14.51 17.41 -12.07
C GLN A 11 -14.97 16.35 -13.02
N GLU A 12 -14.08 15.91 -13.93
CA GLU A 12 -14.46 14.89 -14.91
C GLU A 12 -14.78 13.53 -14.29
N ALA A 13 -13.92 13.10 -13.36
CA ALA A 13 -14.03 11.81 -12.67
C ALA A 13 -15.39 11.69 -12.04
N LYS A 14 -15.90 12.76 -11.46
CA LYS A 14 -17.22 12.64 -10.84
C LYS A 14 -18.28 12.24 -11.85
N GLU A 15 -18.30 12.91 -12.98
CA GLU A 15 -19.24 12.63 -14.06
C GLU A 15 -19.02 11.21 -14.63
N LEU A 16 -17.77 10.84 -14.90
CA LEU A 16 -17.55 9.50 -15.45
C LEU A 16 -17.91 8.41 -14.41
N ALA A 17 -17.80 8.71 -13.13
CA ALA A 17 -18.21 7.68 -12.12
C ALA A 17 -19.69 7.43 -12.21
N GLU A 18 -20.45 8.49 -12.52
CA GLU A 18 -21.92 8.38 -12.62
C GLU A 18 -22.37 7.61 -13.85
N ASN A 19 -21.65 7.83 -14.96
CA ASN A 19 -21.95 7.22 -16.25
C ASN A 19 -21.46 5.79 -16.35
N GLU A 20 -20.46 5.41 -15.56
CA GLU A 20 -20.00 4.02 -15.65
C GLU A 20 -19.75 3.45 -14.27
N PRO A 21 -20.82 2.94 -13.66
CA PRO A 21 -20.72 2.38 -12.31
C PRO A 21 -19.64 1.33 -12.13
N MET A 22 -19.40 0.55 -13.17
CA MET A 22 -18.36 -0.48 -13.10
C MET A 22 -16.93 0.06 -12.82
N LEU A 23 -16.71 1.34 -13.10
CA LEU A 23 -15.43 1.92 -12.88
C LEU A 23 -15.53 2.95 -11.80
N ALA A 24 -16.72 3.09 -11.21
CA ALA A 24 -16.87 4.14 -10.20
C ALA A 24 -15.82 3.99 -9.14
N SER A 25 -15.66 2.78 -8.63
CA SER A 25 -14.65 2.62 -7.60
C SER A 25 -13.23 2.91 -8.12
N PHE A 26 -13.00 2.62 -9.39
CA PHE A 26 -11.66 2.92 -9.95
C PHE A 26 -11.48 4.48 -9.95
N PHE A 27 -12.49 5.23 -10.40
CA PHE A 27 -12.31 6.70 -10.44
C PHE A 27 -12.13 7.26 -9.08
N HIS A 28 -12.85 6.68 -8.11
CA HIS A 28 -12.73 7.18 -6.73
C HIS A 28 -11.39 6.89 -6.12
N SER A 29 -10.92 5.66 -6.28
CA SER A 29 -9.64 5.25 -5.71
C SER A 29 -8.41 5.87 -6.29
N THR A 30 -8.48 6.16 -7.57
CA THR A 30 -7.38 6.72 -8.26
C THR A 30 -7.46 8.24 -8.19
N ILE A 31 -8.59 8.79 -8.57
CA ILE A 31 -8.66 10.27 -8.59
C ILE A 31 -9.38 10.96 -7.44
N LEU A 32 -10.68 10.71 -7.36
CA LEU A 32 -11.49 11.41 -6.39
C LEU A 32 -11.10 11.37 -4.91
N LYS A 33 -10.45 10.31 -4.43
CA LYS A 33 -10.11 10.29 -3.03
C LYS A 33 -8.75 10.96 -2.72
N HIS A 34 -7.94 11.30 -3.71
CA HIS A 34 -6.67 11.94 -3.40
C HIS A 34 -6.73 13.47 -3.47
N GLN A 35 -5.85 14.14 -2.76
CA GLN A 35 -5.93 15.58 -2.80
C GLN A 35 -5.13 16.24 -3.93
N ASN A 36 -4.21 15.52 -4.52
CA ASN A 36 -3.47 16.15 -5.59
C ASN A 36 -3.08 15.16 -6.65
N LEU A 37 -2.45 15.66 -7.72
CA LEU A 37 -2.04 14.80 -8.85
C LEU A 37 -1.09 13.68 -8.41
N GLY A 38 -0.08 14.01 -7.59
CA GLY A 38 0.84 13.00 -7.07
C GLY A 38 0.11 11.81 -6.42
N GLY A 39 -0.95 12.07 -5.66
CA GLY A 39 -1.71 10.96 -5.04
C GLY A 39 -2.30 10.00 -6.08
N ALA A 40 -2.86 10.55 -7.15
CA ALA A 40 -3.44 9.76 -8.22
C ALA A 40 -2.38 9.01 -9.06
N LEU A 41 -1.33 9.75 -9.45
CA LEU A 41 -0.21 9.25 -10.24
C LEU A 41 0.65 8.14 -9.57
N SER A 42 1.03 8.32 -8.29
CA SER A 42 1.78 7.30 -7.56
C SER A 42 0.92 6.01 -7.42
N TYR A 43 -0.36 6.19 -7.17
CA TYR A 43 -1.26 5.07 -7.07
C TYR A 43 -1.32 4.31 -8.40
N LEU A 44 -1.65 5.03 -9.48
CA LEU A 44 -1.73 4.40 -10.81
C LEU A 44 -0.40 3.76 -11.27
N LEU A 45 0.72 4.46 -11.08
CA LEU A 45 2.00 3.90 -11.52
C LEU A 45 2.43 2.64 -10.77
N ALA A 46 2.17 2.65 -9.47
CA ALA A 46 2.51 1.54 -8.59
C ALA A 46 1.78 0.29 -9.03
N ASN A 47 0.50 0.46 -9.30
CA ASN A 47 -0.33 -0.64 -9.76
C ASN A 47 0.08 -1.15 -11.13
N LYS A 48 0.41 -0.26 -12.05
CA LYS A 48 0.76 -0.72 -13.40
C LYS A 48 2.10 -1.41 -13.46
N LEU A 49 3.00 -1.02 -12.57
CA LEU A 49 4.34 -1.63 -12.57
C LEU A 49 4.52 -2.74 -11.50
N ALA A 50 3.47 -3.02 -10.72
CA ALA A 50 3.57 -4.02 -9.69
C ALA A 50 4.03 -5.35 -10.22
N ASN A 51 4.61 -6.14 -9.32
CA ASN A 51 5.13 -7.51 -9.58
C ASN A 51 5.43 -8.05 -8.16
N PRO A 52 5.27 -9.36 -7.93
CA PRO A 52 5.57 -9.85 -6.58
C PRO A 52 6.95 -9.47 -6.07
N ILE A 53 7.90 -9.30 -6.99
CA ILE A 53 9.26 -8.92 -6.56
C ILE A 53 9.22 -7.56 -5.91
N MET A 54 8.42 -6.68 -6.46
CA MET A 54 8.26 -5.33 -5.92
C MET A 54 6.75 -4.96 -6.09
N PRO A 55 5.95 -5.30 -5.08
CA PRO A 55 4.52 -5.03 -5.12
C PRO A 55 4.13 -3.56 -5.12
N ALA A 56 2.91 -3.32 -5.64
CA ALA A 56 2.37 -1.97 -5.73
C ALA A 56 2.52 -1.30 -4.41
N ILE A 57 2.07 -1.95 -3.33
CA ILE A 57 2.20 -1.28 -2.02
C ILE A 57 3.63 -0.81 -1.73
N SER A 58 4.65 -1.59 -2.08
CA SER A 58 6.06 -1.22 -1.82
C SER A 58 6.52 -0.13 -2.78
N LEU A 59 6.11 -0.26 -4.02
CA LEU A 59 6.48 0.68 -5.07
C LEU A 59 5.91 2.04 -4.79
N ARG A 60 4.68 2.08 -4.32
CA ARG A 60 4.09 3.35 -4.07
C ARG A 60 4.87 4.22 -3.05
N GLU A 61 5.48 3.60 -2.04
CA GLU A 61 6.20 4.40 -1.07
C GLU A 61 7.41 5.01 -1.74
N ILE A 62 8.05 4.24 -2.59
CA ILE A 62 9.19 4.70 -3.30
C ILE A 62 8.77 5.83 -4.21
N ILE A 63 7.64 5.69 -4.89
CA ILE A 63 7.21 6.75 -5.75
C ILE A 63 6.88 8.02 -4.96
N GLU A 64 6.15 7.89 -3.87
CA GLU A 64 5.75 9.05 -3.04
C GLU A 64 6.93 9.83 -2.50
N GLU A 65 7.97 9.11 -2.11
CA GLU A 65 9.17 9.70 -1.55
C GLU A 65 9.79 10.59 -2.63
N ALA A 66 9.85 10.02 -3.83
CA ALA A 66 10.36 10.73 -5.00
C ALA A 66 9.59 12.02 -5.21
N TYR A 67 8.27 11.96 -5.10
CA TYR A 67 7.44 13.13 -5.33
C TYR A 67 7.63 14.19 -4.26
N GLN A 68 7.70 13.70 -3.02
CA GLN A 68 7.87 14.55 -1.83
C GLN A 68 9.16 15.27 -1.99
N SER A 69 10.21 14.55 -2.37
CA SER A 69 11.52 15.17 -2.51
C SER A 69 11.61 16.14 -3.65
N ASN A 70 11.31 15.68 -4.87
CA ASN A 70 11.34 16.57 -6.02
C ASN A 70 9.96 16.64 -6.59
N PRO A 71 9.15 17.62 -6.13
CA PRO A 71 7.76 17.92 -6.51
C PRO A 71 7.58 18.25 -7.96
N SER A 72 8.64 18.74 -8.60
CA SER A 72 8.63 19.08 -10.03
C SER A 72 8.31 17.86 -10.87
N ILE A 73 8.59 16.69 -10.31
CA ILE A 73 8.24 15.46 -11.02
C ILE A 73 6.75 15.47 -11.31
N ILE A 74 5.93 15.93 -10.37
CA ILE A 74 4.50 15.97 -10.59
C ILE A 74 4.11 17.14 -11.53
N ASP A 75 4.75 18.30 -11.39
CA ASP A 75 4.43 19.38 -12.32
C ASP A 75 4.64 18.95 -13.80
N CYS A 76 5.72 18.26 -14.06
CA CYS A 76 6.03 17.80 -15.40
C CYS A 76 4.89 16.89 -15.84
N ALA A 77 4.41 16.02 -14.95
CA ALA A 77 3.26 15.15 -15.32
C ALA A 77 2.03 15.99 -15.71
N ALA A 78 1.82 17.09 -14.98
CA ALA A 78 0.70 17.94 -15.26
C ALA A 78 0.87 18.53 -16.66
N CYS A 79 2.07 19.02 -16.98
CA CYS A 79 2.35 19.59 -18.30
C CYS A 79 2.18 18.50 -19.40
N ASP A 80 2.75 17.32 -19.18
CA ASP A 80 2.55 16.25 -20.16
C ASP A 80 1.07 15.99 -20.41
N ILE A 81 0.24 16.10 -19.39
CA ILE A 81 -1.17 15.85 -19.61
C ILE A 81 -1.71 16.89 -20.57
N GLN A 82 -1.35 18.13 -20.28
CA GLN A 82 -1.83 19.23 -21.07
C GLN A 82 -1.33 19.09 -22.51
N ALA A 83 -0.11 18.61 -22.68
CA ALA A 83 0.42 18.42 -24.05
C ALA A 83 -0.47 17.47 -24.86
N VAL A 84 -0.82 16.35 -24.25
CA VAL A 84 -1.60 15.38 -25.01
C VAL A 84 -2.94 15.95 -25.34
N ARG A 85 -3.55 16.61 -24.35
CA ARG A 85 -4.86 17.24 -24.48
C ARG A 85 -4.74 18.21 -25.62
N HIS A 86 -3.63 18.96 -25.69
CA HIS A 86 -3.47 19.95 -26.76
C HIS A 86 -2.97 19.54 -28.15
N ARG A 87 -2.25 18.42 -28.25
CA ARG A 87 -1.73 17.94 -29.52
C ARG A 87 -2.41 16.71 -30.06
N ASP A 88 -3.14 15.95 -29.24
CA ASP A 88 -3.83 14.74 -29.73
C ASP A 88 -5.37 14.94 -29.99
N PRO A 89 -5.73 15.05 -31.26
CA PRO A 89 -7.13 15.24 -31.60
C PRO A 89 -8.08 14.15 -31.05
N ALA A 90 -7.55 12.97 -30.76
CA ALA A 90 -8.39 11.89 -30.28
C ALA A 90 -8.72 12.05 -28.81
N VAL A 91 -7.91 12.82 -28.10
CA VAL A 91 -8.14 13.02 -26.67
C VAL A 91 -9.16 14.14 -26.42
N GLU A 92 -10.24 13.83 -25.73
CA GLU A 92 -11.26 14.83 -25.46
C GLU A 92 -11.40 15.12 -23.97
N LEU A 93 -10.73 14.34 -23.11
CA LEU A 93 -10.84 14.47 -21.64
C LEU A 93 -9.50 14.60 -20.98
N TRP A 94 -9.43 15.43 -19.93
CA TRP A 94 -8.13 15.58 -19.27
C TRP A 94 -7.65 14.36 -18.50
N SER A 95 -8.58 13.50 -18.14
CA SER A 95 -8.27 12.35 -17.33
C SER A 95 -7.78 11.17 -18.13
N THR A 96 -8.10 11.19 -19.42
CA THR A 96 -7.72 10.10 -20.35
C THR A 96 -6.24 9.80 -20.35
N PRO A 97 -5.37 10.82 -20.47
CA PRO A 97 -3.93 10.56 -20.47
C PRO A 97 -3.54 9.92 -19.16
N LEU A 98 -4.01 10.49 -18.07
CA LEU A 98 -3.68 10.03 -16.74
C LEU A 98 -4.07 8.58 -16.48
N LEU A 99 -5.28 8.23 -16.87
CA LEU A 99 -5.79 6.90 -16.66
C LEU A 99 -5.45 5.80 -17.66
N TYR A 100 -5.41 6.13 -18.95
CA TYR A 100 -5.29 5.07 -19.98
C TYR A 100 -4.17 5.12 -21.00
N LEU A 101 -3.43 6.21 -21.02
CA LEU A 101 -2.45 6.29 -22.09
C LEU A 101 -1.09 5.75 -21.71
N LYS A 102 -0.72 4.58 -22.25
CA LYS A 102 0.54 4.01 -21.84
C LYS A 102 1.75 4.85 -22.11
N GLY A 103 1.71 5.66 -23.18
CA GLY A 103 2.83 6.56 -23.48
C GLY A 103 3.06 7.51 -22.32
N PHE A 104 2.00 8.17 -21.86
CA PHE A 104 2.09 9.05 -20.73
C PHE A 104 2.52 8.26 -19.49
N HIS A 105 2.02 7.03 -19.28
CA HIS A 105 2.46 6.26 -18.13
C HIS A 105 3.98 5.97 -18.19
N ALA A 106 4.45 5.67 -19.39
CA ALA A 106 5.84 5.36 -19.62
C ALA A 106 6.67 6.55 -19.26
N ILE A 107 6.22 7.74 -19.68
CA ILE A 107 7.02 8.91 -19.37
C ILE A 107 7.17 9.18 -17.90
N GLN A 108 6.05 9.13 -17.17
CA GLN A 108 6.12 9.41 -15.74
C GLN A 108 6.83 8.33 -14.99
N SER A 109 6.75 7.12 -15.51
CA SER A 109 7.47 6.04 -14.84
C SER A 109 8.95 6.25 -15.04
N TYR A 110 9.35 6.68 -16.24
CA TYR A 110 10.77 6.95 -16.49
C TYR A 110 11.23 8.03 -15.52
N ARG A 111 10.38 9.00 -15.18
CA ARG A 111 10.81 10.08 -14.26
C ARG A 111 11.19 9.47 -12.92
N ILE A 112 10.55 8.36 -12.59
CA ILE A 112 10.86 7.69 -11.34
C ILE A 112 12.18 6.91 -11.44
N THR A 113 12.40 6.23 -12.57
CA THR A 113 13.65 5.52 -12.71
C THR A 113 14.82 6.54 -12.84
N HIS A 114 14.55 7.69 -13.43
CA HIS A 114 15.56 8.71 -13.57
C HIS A 114 15.95 9.19 -12.16
N TYR A 115 14.94 9.45 -11.33
CA TYR A 115 15.13 9.87 -9.92
C TYR A 115 15.92 8.80 -9.14
N LEU A 116 15.54 7.52 -9.25
CA LEU A 116 16.23 6.42 -8.58
C LEU A 116 17.67 6.30 -9.06
N TRP A 117 17.84 6.37 -10.35
CA TRP A 117 19.18 6.30 -10.91
C TRP A 117 20.06 7.43 -10.30
N ASN A 118 19.50 8.60 -10.07
CA ASN A 118 20.31 9.71 -9.50
C ASN A 118 20.34 9.69 -7.96
N GLN A 119 19.74 8.67 -7.33
CA GLN A 119 19.75 8.50 -5.90
C GLN A 119 20.61 7.31 -5.62
N ASN A 120 21.47 6.97 -6.56
CA ASN A 120 22.34 5.81 -6.36
C ASN A 120 21.58 4.46 -6.20
N ARG A 121 20.46 4.27 -6.92
CA ARG A 121 19.71 2.99 -6.86
C ARG A 121 19.57 2.41 -8.27
N LYS A 122 20.75 2.14 -8.82
CA LYS A 122 20.87 1.61 -10.14
C LYS A 122 20.10 0.30 -10.30
N SER A 123 20.22 -0.64 -9.37
CA SER A 123 19.50 -1.88 -9.52
C SER A 123 17.99 -1.69 -9.67
N LEU A 124 17.42 -1.01 -8.71
CA LEU A 124 15.99 -0.75 -8.73
C LEU A 124 15.68 0.01 -10.03
N ALA A 125 16.53 0.95 -10.45
CA ALA A 125 16.20 1.63 -11.69
C ALA A 125 16.20 0.70 -12.94
N LEU A 126 17.12 -0.26 -13.00
CA LEU A 126 17.19 -1.14 -14.16
C LEU A 126 16.01 -2.11 -14.08
N TYR A 127 15.68 -2.49 -12.86
CA TYR A 127 14.57 -3.39 -12.67
C TYR A 127 13.30 -2.68 -13.19
N LEU A 128 13.08 -1.41 -12.79
CA LEU A 128 11.89 -0.67 -13.30
C LEU A 128 12.01 -0.28 -14.80
N GLN A 129 13.22 -0.15 -15.33
CA GLN A 129 13.39 0.13 -16.74
C GLN A 129 12.76 -1.04 -17.49
N ASN A 130 13.01 -2.26 -17.04
CA ASN A 130 12.43 -3.45 -17.68
C ASN A 130 10.91 -3.54 -17.43
N GLN A 131 10.48 -3.25 -16.20
CA GLN A 131 9.04 -3.26 -15.90
C GLN A 131 8.29 -2.34 -16.86
N ILE A 132 8.86 -1.15 -17.09
CA ILE A 132 8.31 -0.15 -18.00
C ILE A 132 8.32 -0.63 -19.46
N SER A 133 9.36 -1.37 -19.87
CA SER A 133 9.39 -1.91 -21.24
C SER A 133 8.31 -2.99 -21.43
N VAL A 134 8.00 -3.67 -20.35
CA VAL A 134 7.05 -4.78 -20.34
C VAL A 134 5.62 -4.33 -20.24
N ALA A 135 5.40 -3.43 -19.32
CA ALA A 135 4.03 -2.94 -19.08
C ALA A 135 3.55 -1.97 -20.15
N PHE A 136 4.45 -1.12 -20.65
CA PHE A 136 4.12 -0.14 -21.66
C PHE A 136 4.75 -0.23 -23.04
N ASP A 137 5.68 -1.17 -23.23
CA ASP A 137 6.37 -1.35 -24.50
C ASP A 137 7.27 -0.18 -24.85
N VAL A 138 7.75 0.50 -23.83
CA VAL A 138 8.58 1.69 -24.05
C VAL A 138 9.81 1.45 -23.27
N ASP A 139 10.96 1.65 -23.89
CA ASP A 139 12.21 1.38 -23.21
C ASP A 139 13.02 2.65 -23.14
N ILE A 140 13.18 3.17 -21.95
CA ILE A 140 13.92 4.46 -21.80
C ILE A 140 15.01 4.19 -20.85
N HIS A 141 16.26 4.42 -21.26
CA HIS A 141 17.31 4.22 -20.28
C HIS A 141 17.12 5.20 -19.13
N PRO A 142 17.28 4.73 -17.88
CA PRO A 142 17.10 5.70 -16.80
C PRO A 142 17.96 7.01 -16.86
N ALA A 143 19.10 7.00 -17.53
CA ALA A 143 19.93 8.21 -17.56
C ALA A 143 19.57 9.21 -18.68
N ALA A 144 18.55 8.89 -19.45
CA ALA A 144 18.17 9.80 -20.49
C ALA A 144 17.64 11.09 -19.80
N LYS A 145 17.78 12.25 -20.44
CA LYS A 145 17.29 13.51 -19.85
C LYS A 145 16.05 13.96 -20.63
N ILE A 146 14.87 14.02 -20.02
CA ILE A 146 13.66 14.38 -20.74
C ILE A 146 12.95 15.51 -20.01
N GLY A 147 12.47 16.52 -20.75
CA GLY A 147 11.81 17.65 -20.10
C GLY A 147 10.34 17.44 -19.88
N HIS A 148 9.55 18.51 -19.93
CA HIS A 148 8.13 18.44 -19.73
C HIS A 148 7.36 18.85 -21.00
N GLY A 149 6.04 18.62 -21.01
CA GLY A 149 5.21 18.90 -22.16
C GLY A 149 5.47 17.88 -23.24
N ILE A 150 5.83 16.68 -22.81
CA ILE A 150 6.18 15.62 -23.72
C ILE A 150 5.04 14.66 -24.00
N MET A 151 4.93 14.26 -25.26
CA MET A 151 3.89 13.34 -25.65
C MET A 151 4.44 12.14 -26.38
N PHE A 152 4.12 10.95 -25.87
CA PHE A 152 4.44 9.67 -26.52
C PHE A 152 3.06 9.09 -26.95
N ASP A 153 2.59 9.50 -28.13
CA ASP A 153 1.26 9.07 -28.64
C ASP A 153 1.37 7.61 -29.07
N HIS A 154 0.44 6.76 -28.60
CA HIS A 154 0.42 5.30 -28.86
C HIS A 154 1.61 4.61 -28.18
N ALA A 155 2.82 5.08 -28.52
CA ALA A 155 4.09 4.67 -27.85
C ALA A 155 4.74 3.33 -28.02
N THR A 156 3.97 2.35 -28.49
CA THR A 156 4.52 1.03 -28.63
C THR A 156 5.81 1.06 -29.39
N GLY A 157 6.87 0.48 -28.84
CA GLY A 157 8.14 0.42 -29.59
C GLY A 157 9.10 1.60 -29.48
N ILE A 158 8.75 2.60 -28.70
CA ILE A 158 9.69 3.71 -28.55
C ILE A 158 10.85 3.19 -27.71
N VAL A 159 12.05 3.64 -28.07
CA VAL A 159 13.31 3.29 -27.41
C VAL A 159 14.14 4.58 -27.30
N VAL A 160 14.59 4.93 -26.09
CA VAL A 160 15.42 6.15 -25.90
C VAL A 160 16.72 5.68 -25.17
N GLY A 161 17.87 5.96 -25.76
CA GLY A 161 19.12 5.51 -25.19
C GLY A 161 19.73 6.30 -24.03
N GLU A 162 20.79 5.71 -23.49
CA GLU A 162 21.45 6.23 -22.32
C GLU A 162 21.83 7.71 -22.28
N THR A 163 22.33 8.21 -23.41
CA THR A 163 22.82 9.58 -23.48
C THR A 163 21.88 10.57 -24.16
N SER A 164 20.67 10.09 -24.42
CA SER A 164 19.67 10.90 -25.04
C SER A 164 19.25 12.16 -24.24
N VAL A 165 18.83 13.18 -24.98
CA VAL A 165 18.28 14.38 -24.41
C VAL A 165 17.00 14.74 -25.20
N ILE A 166 15.89 14.94 -24.51
CA ILE A 166 14.70 15.32 -25.16
C ILE A 166 14.31 16.58 -24.39
N GLU A 167 14.20 17.70 -25.10
CA GLU A 167 13.81 18.95 -24.49
C GLU A 167 12.30 19.09 -24.40
N ASN A 168 11.82 20.21 -23.89
CA ASN A 168 10.39 20.39 -23.72
C ASN A 168 9.57 20.46 -24.99
N ASP A 169 8.32 20.08 -24.82
CA ASP A 169 7.33 20.18 -25.87
C ASP A 169 7.60 19.33 -27.08
N VAL A 170 8.34 18.26 -26.87
CA VAL A 170 8.62 17.29 -27.91
C VAL A 170 7.53 16.20 -27.99
N SER A 171 7.15 15.84 -29.21
CA SER A 171 6.14 14.79 -29.42
C SER A 171 6.79 13.61 -30.14
N ILE A 172 6.58 12.40 -29.63
CA ILE A 172 7.20 11.24 -30.27
C ILE A 172 6.19 10.14 -30.46
N LEU A 173 6.21 9.48 -31.61
CA LEU A 173 5.18 8.44 -31.85
C LEU A 173 5.67 7.02 -31.74
N GLN A 174 4.74 6.09 -31.99
CA GLN A 174 5.09 4.71 -31.92
C GLN A 174 6.31 4.37 -32.84
N GLY A 175 7.11 3.40 -32.36
CA GLY A 175 8.27 2.85 -33.10
C GLY A 175 9.52 3.69 -33.29
N VAL A 176 9.51 4.85 -32.66
CA VAL A 176 10.64 5.74 -32.84
C VAL A 176 11.77 5.41 -31.88
N THR A 177 12.98 5.41 -32.42
CA THR A 177 14.19 5.17 -31.67
C THR A 177 15.07 6.38 -31.62
N LEU A 178 15.66 6.62 -30.46
CA LEU A 178 16.67 7.67 -30.35
C LEU A 178 17.81 6.76 -29.88
N GLY A 179 18.57 6.20 -30.81
CA GLY A 179 19.59 5.26 -30.42
C GLY A 179 21.01 5.59 -30.79
N GLY A 180 21.92 4.65 -30.63
CA GLY A 180 23.24 5.06 -30.98
C GLY A 180 23.95 4.08 -31.80
N THR A 181 25.17 4.43 -32.18
CA THR A 181 26.00 3.53 -32.93
C THR A 181 27.31 3.34 -32.11
N GLY A 182 28.12 2.33 -32.44
CA GLY A 182 29.38 2.06 -31.72
C GLY A 182 29.26 1.24 -30.43
N LYS A 183 30.27 0.42 -30.12
CA LYS A 183 30.28 -0.42 -28.91
C LYS A 183 31.02 0.27 -27.75
N GLU A 184 31.19 1.58 -27.90
CA GLU A 184 31.86 2.44 -26.94
C GLU A 184 30.86 3.21 -26.09
N SER A 185 31.32 3.69 -24.95
CA SER A 185 30.50 4.49 -24.06
C SER A 185 30.69 5.97 -24.46
N GLY A 186 30.10 6.90 -23.70
CA GLY A 186 30.17 8.32 -24.04
C GLY A 186 28.91 8.82 -24.74
N ASP A 187 28.96 10.03 -25.27
CA ASP A 187 27.79 10.57 -25.97
C ASP A 187 27.65 9.86 -27.30
N ARG A 188 26.55 9.13 -27.46
CA ARG A 188 26.33 8.41 -28.70
C ARG A 188 24.85 8.40 -29.05
N HIS A 189 24.06 9.24 -28.34
CA HIS A 189 22.62 9.33 -28.58
C HIS A 189 22.12 10.75 -28.94
N PRO A 190 21.00 10.82 -29.67
CA PRO A 190 20.41 12.09 -30.10
C PRO A 190 20.08 13.13 -29.07
N LYS A 191 20.19 14.40 -29.48
CA LYS A 191 19.80 15.56 -28.69
C LYS A 191 18.61 16.23 -29.42
N VAL A 192 17.39 15.98 -28.96
CA VAL A 192 16.21 16.53 -29.62
C VAL A 192 15.77 17.77 -28.91
N ARG A 193 15.92 18.91 -29.59
CA ARG A 193 15.59 20.22 -29.02
C ARG A 193 14.12 20.47 -28.94
N GLU A 194 13.71 21.54 -28.26
CA GLU A 194 12.30 21.77 -28.07
C GLU A 194 11.41 21.93 -29.28
N GLY A 195 10.16 21.51 -29.10
CA GLY A 195 9.17 21.63 -30.12
C GLY A 195 9.19 20.58 -31.21
N VAL A 196 10.27 19.81 -31.25
CA VAL A 196 10.45 18.79 -32.29
C VAL A 196 9.33 17.75 -32.34
N MET A 197 8.81 17.46 -33.55
CA MET A 197 7.82 16.38 -33.69
C MET A 197 8.44 15.23 -34.46
N ILE A 198 8.37 14.02 -33.90
CA ILE A 198 8.94 12.84 -34.60
C ILE A 198 7.85 11.86 -35.05
N GLY A 199 7.82 11.59 -36.36
CA GLY A 199 6.85 10.68 -36.95
C GLY A 199 7.04 9.25 -36.57
N ALA A 200 5.97 8.48 -36.67
CA ALA A 200 6.00 7.06 -36.36
C ALA A 200 7.10 6.29 -37.08
N GLY A 201 7.81 5.47 -36.32
CA GLY A 201 8.81 4.63 -36.89
C GLY A 201 10.15 5.23 -37.23
N ALA A 202 10.35 6.54 -36.95
CA ALA A 202 11.62 7.21 -37.25
C ALA A 202 12.67 6.67 -36.32
N LYS A 203 13.88 6.53 -36.89
CA LYS A 203 15.01 6.05 -36.20
C LYS A 203 16.10 7.15 -36.28
N ILE A 204 16.47 7.71 -35.13
CA ILE A 204 17.47 8.80 -35.09
C ILE A 204 18.62 8.16 -34.34
N LEU A 205 19.75 8.06 -35.05
CA LEU A 205 20.95 7.39 -34.56
C LEU A 205 22.20 8.26 -34.45
N GLY A 206 22.86 8.14 -33.30
CA GLY A 206 24.08 8.85 -33.01
C GLY A 206 23.93 10.11 -32.20
N ASN A 207 25.08 10.61 -31.78
CA ASN A 207 25.07 11.81 -31.00
C ASN A 207 24.97 12.95 -31.98
N ILE A 208 23.76 13.16 -32.50
CA ILE A 208 23.46 14.21 -33.47
C ILE A 208 22.39 15.18 -32.96
N GLU A 209 22.38 16.38 -33.54
CA GLU A 209 21.45 17.40 -33.12
C GLU A 209 20.19 17.43 -33.92
N VAL A 210 19.08 17.51 -33.22
CA VAL A 210 17.84 17.65 -33.91
C VAL A 210 17.29 19.05 -33.50
N GLY A 211 17.54 20.00 -34.39
CA GLY A 211 17.11 21.36 -34.19
C GLY A 211 15.71 21.59 -33.66
N LYS A 212 15.51 22.69 -32.98
CA LYS A 212 14.18 22.92 -32.48
C LYS A 212 13.07 23.11 -33.52
N TYR A 213 11.89 22.67 -33.16
CA TYR A 213 10.72 22.73 -34.01
C TYR A 213 10.87 22.03 -35.37
N ALA A 214 11.87 21.17 -35.49
CA ALA A 214 12.02 20.40 -36.72
C ALA A 214 10.87 19.36 -36.72
N LYS A 215 10.54 18.84 -37.89
CA LYS A 215 9.55 17.79 -38.07
C LYS A 215 10.28 16.60 -38.71
N ILE A 216 10.18 15.40 -38.14
CA ILE A 216 10.85 14.22 -38.68
C ILE A 216 9.79 13.30 -39.28
N GLY A 217 9.96 12.93 -40.55
CA GLY A 217 8.97 12.08 -41.22
C GLY A 217 8.86 10.65 -40.69
N ALA A 218 7.68 10.06 -40.82
CA ALA A 218 7.52 8.68 -40.39
C ALA A 218 8.60 7.82 -41.11
N ASN A 219 9.10 6.80 -40.40
CA ASN A 219 10.13 5.85 -40.87
C ASN A 219 11.40 6.48 -41.39
N SER A 220 11.64 7.75 -41.01
CA SER A 220 12.85 8.43 -41.50
C SER A 220 14.02 7.91 -40.68
N VAL A 221 15.17 7.84 -41.32
CA VAL A 221 16.35 7.41 -40.60
C VAL A 221 17.31 8.62 -40.59
N VAL A 222 17.42 9.26 -39.44
CA VAL A 222 18.24 10.44 -39.32
C VAL A 222 19.61 10.09 -38.78
N LEU A 223 20.62 10.38 -39.58
CA LEU A 223 21.97 10.08 -39.24
C LEU A 223 22.85 11.33 -39.15
N ASN A 224 22.38 12.43 -39.72
CA ASN A 224 23.07 13.72 -39.69
C ASN A 224 22.15 14.76 -39.01
N PRO A 225 22.73 15.85 -38.48
CA PRO A 225 21.99 16.93 -37.80
C PRO A 225 20.88 17.48 -38.66
N VAL A 226 19.79 17.94 -38.04
CA VAL A 226 18.62 18.49 -38.74
C VAL A 226 18.46 19.91 -38.24
N PRO A 227 18.60 20.92 -39.12
CA PRO A 227 18.47 22.33 -38.75
C PRO A 227 17.18 22.65 -38.07
N GLU A 228 17.18 23.73 -37.33
CA GLU A 228 16.00 24.13 -36.65
C GLU A 228 14.87 24.44 -37.64
N TYR A 229 13.65 24.01 -37.31
CA TYR A 229 12.47 24.30 -38.10
C TYR A 229 12.43 23.56 -39.42
N ALA A 230 13.40 22.70 -39.65
CA ALA A 230 13.45 21.95 -40.90
C ALA A 230 12.60 20.68 -40.83
N THR A 231 12.40 20.08 -42.01
CA THR A 231 11.69 18.82 -42.13
C THR A 231 12.62 17.81 -42.80
N ALA A 232 12.89 16.72 -42.10
CA ALA A 232 13.75 15.65 -42.60
C ALA A 232 12.85 14.46 -42.88
N ALA A 233 13.05 13.80 -44.02
CA ALA A 233 12.29 12.59 -44.38
C ALA A 233 13.09 11.68 -45.26
N GLY A 234 12.70 10.40 -45.34
CA GLY A 234 13.47 9.48 -46.16
C GLY A 234 14.47 8.60 -45.41
N VAL A 235 15.03 7.60 -46.09
CA VAL A 235 16.00 6.64 -45.56
C VAL A 235 17.25 6.53 -46.46
N PRO A 236 18.38 7.22 -46.13
CA PRO A 236 18.59 8.11 -44.99
C PRO A 236 17.70 9.35 -45.14
N ALA A 237 17.59 10.12 -44.06
CA ALA A 237 16.79 11.33 -44.05
C ALA A 237 17.47 12.45 -44.82
N ARG A 238 16.68 13.23 -45.53
CA ARG A 238 17.08 14.35 -46.36
C ARG A 238 16.21 15.53 -45.89
N ILE A 239 16.67 16.76 -46.11
CA ILE A 239 15.91 17.96 -45.77
C ILE A 239 14.97 18.29 -46.91
N VAL A 240 13.67 18.30 -46.66
CA VAL A 240 12.74 18.61 -47.71
C VAL A 240 12.44 20.09 -47.61
N SER A 241 12.97 20.87 -48.54
CA SER A 241 12.75 22.31 -48.45
C SER A 241 11.26 22.61 -48.65
N MET B 1 6.11 5.80 26.27
CA MET B 1 6.70 5.73 24.89
C MET B 1 6.65 4.27 24.43
N ASN B 2 6.15 4.07 23.21
CA ASN B 2 6.05 2.72 22.63
C ASN B 2 7.19 2.52 21.61
N LEU B 3 8.17 3.42 21.66
CA LEU B 3 9.34 3.35 20.78
C LEU B 3 10.30 2.24 21.23
N ASP B 4 10.34 1.95 22.53
CA ASP B 4 11.25 0.88 23.02
C ASP B 4 10.90 -0.43 22.33
N VAL B 5 9.60 -0.72 22.34
CA VAL B 5 9.06 -1.89 21.69
C VAL B 5 9.56 -1.89 20.27
N TRP B 6 9.32 -0.80 19.53
CA TRP B 6 9.79 -0.66 18.14
C TRP B 6 11.30 -0.81 18.01
N GLN B 7 12.05 -0.31 19.00
CA GLN B 7 13.52 -0.40 18.96
C GLN B 7 13.93 -1.84 19.00
N HIS B 8 13.27 -2.62 19.82
CA HIS B 8 13.58 -4.02 19.91
C HIS B 8 13.36 -4.69 18.51
N ILE B 9 12.22 -4.40 17.91
CA ILE B 9 11.87 -5.00 16.65
C ILE B 9 12.84 -4.62 15.53
N ARG B 10 13.22 -3.37 15.47
CA ARG B 10 14.11 -2.95 14.44
C ARG B 10 15.46 -3.63 14.62
N GLN B 11 15.86 -3.77 15.87
CA GLN B 11 17.15 -4.43 16.18
C GLN B 11 17.10 -5.90 15.77
N GLU B 12 15.99 -6.58 16.05
CA GLU B 12 15.89 -7.97 15.68
C GLU B 12 15.92 -8.07 14.15
N ALA B 13 15.13 -7.20 13.53
CA ALA B 13 15.00 -7.14 12.08
C ALA B 13 16.31 -7.10 11.30
N LYS B 14 17.25 -6.24 11.70
CA LYS B 14 18.54 -6.17 11.00
C LYS B 14 19.25 -7.51 11.04
N GLU B 15 19.31 -8.12 12.21
CA GLU B 15 20.01 -9.39 12.35
C GLU B 15 19.25 -10.53 11.70
N LEU B 16 17.91 -10.47 11.73
CA LEU B 16 17.06 -11.47 11.10
C LEU B 16 17.28 -11.44 9.55
N ALA B 17 17.40 -10.24 8.98
CA ALA B 17 17.61 -10.12 7.54
C ALA B 17 18.97 -10.67 7.19
N GLU B 18 19.89 -10.53 8.12
CA GLU B 18 21.23 -11.00 7.93
C GLU B 18 21.28 -12.54 7.92
N ASN B 19 20.47 -13.18 8.74
CA ASN B 19 20.52 -14.62 8.86
C ASN B 19 19.72 -15.40 7.83
N GLU B 20 18.60 -14.81 7.42
CA GLU B 20 17.72 -15.42 6.44
C GLU B 20 17.54 -14.58 5.18
N PRO B 21 18.47 -14.77 4.21
CA PRO B 21 18.45 -14.05 2.95
C PRO B 21 17.13 -14.09 2.25
N MET B 22 16.47 -15.23 2.31
CA MET B 22 15.18 -15.40 1.64
C MET B 22 14.10 -14.48 2.19
N LEU B 23 14.23 -14.00 3.44
CA LEU B 23 13.19 -13.08 3.96
C LEU B 23 13.70 -11.59 4.08
N ALA B 24 14.93 -11.32 3.65
CA ALA B 24 15.51 -9.98 3.71
C ALA B 24 14.61 -8.84 3.22
N SER B 25 14.18 -8.95 1.98
CA SER B 25 13.36 -7.90 1.43
C SER B 25 12.05 -7.77 2.21
N PHE B 26 11.55 -8.87 2.76
CA PHE B 26 10.34 -8.85 3.60
C PHE B 26 10.70 -8.07 4.88
N PHE B 27 11.77 -8.45 5.56
CA PHE B 27 12.11 -7.65 6.75
C PHE B 27 12.33 -6.15 6.45
N HIS B 28 13.05 -5.83 5.38
CA HIS B 28 13.26 -4.42 5.09
C HIS B 28 11.99 -3.71 4.71
N SER B 29 11.17 -4.33 3.87
CA SER B 29 9.95 -3.64 3.45
C SER B 29 8.91 -3.45 4.54
N THR B 30 8.86 -4.34 5.51
CA THR B 30 7.90 -4.21 6.57
C THR B 30 8.46 -3.43 7.76
N ILE B 31 9.65 -3.82 8.18
CA ILE B 31 10.20 -3.19 9.36
C ILE B 31 11.23 -2.10 9.12
N LEU B 32 12.39 -2.53 8.63
CA LEU B 32 13.55 -1.64 8.45
C LEU B 32 13.40 -0.36 7.67
N LYS B 33 12.60 -0.35 6.63
CA LYS B 33 12.46 0.88 5.87
C LYS B 33 11.57 1.86 6.62
N HIS B 34 10.81 1.38 7.61
CA HIS B 34 9.95 2.32 8.33
C HIS B 34 10.56 2.81 9.62
N GLN B 35 10.25 4.06 9.98
CA GLN B 35 10.81 4.65 11.22
C GLN B 35 9.90 4.51 12.45
N ASN B 36 8.69 4.00 12.24
CA ASN B 36 7.81 3.74 13.39
C ASN B 36 6.89 2.54 13.13
N LEU B 37 6.39 1.96 14.20
CA LEU B 37 5.46 0.79 14.16
C LEU B 37 4.27 1.01 13.23
N GLY B 38 3.81 2.24 13.14
CA GLY B 38 2.67 2.50 12.26
C GLY B 38 2.86 2.12 10.79
N GLY B 39 4.01 2.47 10.22
CA GLY B 39 4.35 2.13 8.84
C GLY B 39 4.45 0.60 8.64
N ALA B 40 5.08 -0.09 9.59
CA ALA B 40 5.18 -1.55 9.46
C ALA B 40 3.83 -2.21 9.51
N LEU B 41 3.05 -1.76 10.48
CA LEU B 41 1.73 -2.34 10.75
C LEU B 41 0.76 -2.15 9.62
N SER B 42 0.71 -0.94 9.09
CA SER B 42 -0.23 -0.66 8.00
C SER B 42 0.15 -1.45 6.78
N TYR B 43 1.44 -1.57 6.56
CA TYR B 43 1.93 -2.31 5.44
C TYR B 43 1.50 -3.77 5.52
N LEU B 44 1.82 -4.39 6.64
CA LEU B 44 1.48 -5.79 6.87
C LEU B 44 0.01 -6.05 6.82
N LEU B 45 -0.77 -5.29 7.59
CA LEU B 45 -2.22 -5.57 7.60
C LEU B 45 -2.88 -5.37 6.24
N ALA B 46 -2.47 -4.33 5.53
CA ALA B 46 -3.04 -4.09 4.23
C ALA B 46 -2.71 -5.29 3.35
N ASN B 47 -1.49 -5.81 3.44
CA ASN B 47 -1.17 -6.99 2.63
C ASN B 47 -1.97 -8.24 3.00
N LYS B 48 -2.13 -8.48 4.30
CA LYS B 48 -2.88 -9.70 4.76
C LYS B 48 -4.39 -9.65 4.44
N LEU B 49 -4.95 -8.43 4.49
CA LEU B 49 -6.37 -8.22 4.23
C LEU B 49 -6.72 -7.89 2.78
N ALA B 50 -5.73 -7.90 1.88
CA ALA B 50 -5.95 -7.52 0.47
C ALA B 50 -6.90 -8.39 -0.32
N ASN B 51 -7.61 -7.74 -1.22
CA ASN B 51 -8.56 -8.41 -2.14
C ASN B 51 -8.78 -7.48 -3.36
N PRO B 52 -9.03 -8.05 -4.54
CA PRO B 52 -9.27 -7.17 -5.70
C PRO B 52 -10.35 -6.10 -5.42
N ILE B 53 -11.29 -6.44 -4.54
CA ILE B 53 -12.37 -5.50 -4.17
C ILE B 53 -11.78 -4.31 -3.45
N MET B 54 -10.79 -4.54 -2.60
CA MET B 54 -10.09 -3.47 -1.84
C MET B 54 -8.60 -3.88 -1.74
N PRO B 55 -7.80 -3.58 -2.78
CA PRO B 55 -6.36 -3.96 -2.78
C PRO B 55 -5.48 -3.40 -1.70
N ALA B 56 -4.42 -4.13 -1.44
CA ALA B 56 -3.50 -3.69 -0.42
C ALA B 56 -3.18 -2.17 -0.50
N ILE B 57 -2.87 -1.69 -1.69
CA ILE B 57 -2.50 -0.29 -1.87
C ILE B 57 -3.57 0.75 -1.47
N SER B 58 -4.83 0.37 -1.65
CA SER B 58 -6.00 1.20 -1.30
C SER B 58 -6.26 1.13 0.21
N LEU B 59 -6.41 -0.09 0.69
CA LEU B 59 -6.62 -0.35 2.10
C LEU B 59 -5.53 0.36 2.94
N ARG B 60 -4.29 0.32 2.49
CA ARG B 60 -3.27 0.95 3.31
C ARG B 60 -3.53 2.47 3.61
N GLU B 61 -4.06 3.17 2.61
CA GLU B 61 -4.37 4.58 2.81
C GLU B 61 -5.44 4.71 3.90
N ILE B 62 -6.43 3.83 3.87
CA ILE B 62 -7.50 3.85 4.83
C ILE B 62 -6.96 3.64 6.25
N ILE B 63 -5.95 2.77 6.39
CA ILE B 63 -5.35 2.48 7.68
C ILE B 63 -4.49 3.66 8.15
N GLU B 64 -3.76 4.25 7.25
CA GLU B 64 -2.90 5.36 7.68
C GLU B 64 -3.77 6.56 8.09
N GLU B 65 -4.93 6.67 7.50
CA GLU B 65 -5.80 7.77 7.86
C GLU B 65 -6.27 7.51 9.29
N ALA B 66 -6.64 6.26 9.57
CA ALA B 66 -7.09 5.89 10.90
C ALA B 66 -5.93 6.16 11.94
N TYR B 67 -4.71 5.81 11.58
CA TYR B 67 -3.61 6.04 12.54
C TYR B 67 -3.37 7.55 12.73
N GLN B 68 -3.57 8.31 11.67
CA GLN B 68 -3.40 9.74 11.79
C GLN B 68 -4.48 10.36 12.74
N SER B 69 -5.71 9.88 12.61
CA SER B 69 -6.76 10.42 13.47
C SER B 69 -6.61 9.90 14.86
N ASN B 70 -6.24 8.61 14.98
CA ASN B 70 -6.12 7.95 16.30
C ASN B 70 -4.79 7.23 16.50
N PRO B 71 -3.75 8.00 16.86
CA PRO B 71 -2.41 7.47 17.09
C PRO B 71 -2.40 6.41 18.17
N SER B 72 -3.29 6.50 19.17
CA SER B 72 -3.34 5.51 20.24
C SER B 72 -3.55 4.07 19.72
N ILE B 73 -4.08 3.93 18.50
CA ILE B 73 -4.28 2.62 17.89
C ILE B 73 -2.91 1.93 17.72
N ILE B 74 -1.88 2.68 17.39
CA ILE B 74 -0.54 2.17 17.24
C ILE B 74 0.06 1.76 18.61
N ASP B 75 -0.02 2.67 19.59
CA ASP B 75 0.48 2.40 20.98
C ASP B 75 -0.23 1.18 21.53
N CYS B 76 -1.50 0.99 21.19
CA CYS B 76 -2.24 -0.20 21.65
C CYS B 76 -1.63 -1.48 21.10
N ALA B 77 -1.22 -1.43 19.82
CA ALA B 77 -0.49 -2.54 19.20
C ALA B 77 0.84 -2.76 19.96
N ALA B 78 1.62 -1.71 20.26
CA ALA B 78 2.87 -1.91 21.00
C ALA B 78 2.60 -2.74 22.26
N CYS B 79 1.63 -2.33 23.06
CA CYS B 79 1.36 -3.05 24.27
C CYS B 79 0.91 -4.49 24.05
N ASP B 80 0.14 -4.71 22.99
CA ASP B 80 -0.33 -6.04 22.65
C ASP B 80 0.89 -6.88 22.31
N ILE B 81 1.89 -6.30 21.66
CA ILE B 81 3.10 -7.05 21.38
C ILE B 81 3.81 -7.39 22.72
N GLN B 82 3.89 -6.42 23.62
CA GLN B 82 4.53 -6.60 24.93
C GLN B 82 3.80 -7.73 25.70
N ALA B 83 2.48 -7.70 25.65
CA ALA B 83 1.68 -8.73 26.32
C ALA B 83 2.07 -10.11 25.82
N VAL B 84 2.23 -10.28 24.50
CA VAL B 84 2.57 -11.60 24.01
C VAL B 84 3.99 -12.02 24.39
N ARG B 85 4.94 -11.10 24.20
CA ARG B 85 6.33 -11.38 24.49
C ARG B 85 6.50 -11.83 25.94
N HIS B 86 5.71 -11.27 26.84
CA HIS B 86 5.78 -11.62 28.25
C HIS B 86 5.03 -12.90 28.67
N ARG B 87 3.86 -13.15 28.09
CA ARG B 87 3.01 -14.26 28.51
C ARG B 87 3.09 -15.53 27.71
N ASP B 88 3.62 -15.42 26.50
CA ASP B 88 3.70 -16.58 25.65
C ASP B 88 5.12 -17.07 25.61
N PRO B 89 5.40 -18.16 26.36
CA PRO B 89 6.71 -18.80 26.48
C PRO B 89 7.24 -19.23 25.14
N ALA B 90 6.34 -19.39 24.16
CA ALA B 90 6.77 -19.79 22.84
C ALA B 90 7.41 -18.63 22.04
N VAL B 91 7.07 -17.40 22.43
CA VAL B 91 7.51 -16.15 21.78
C VAL B 91 8.69 -15.55 22.50
N GLU B 92 9.84 -15.58 21.81
CA GLU B 92 11.12 -15.05 22.30
C GLU B 92 11.50 -13.73 21.67
N LEU B 93 11.03 -13.48 20.46
CA LEU B 93 11.34 -12.21 19.78
C LEU B 93 10.17 -11.25 19.73
N TRP B 94 10.48 -9.95 19.85
CA TRP B 94 9.45 -8.90 19.84
C TRP B 94 8.84 -8.75 18.43
N SER B 95 9.62 -9.14 17.43
CA SER B 95 9.16 -9.09 16.05
C SER B 95 8.19 -10.25 15.70
N THR B 96 8.18 -11.33 16.47
CA THR B 96 7.35 -12.47 16.11
C THR B 96 5.84 -12.17 16.04
N PRO B 97 5.30 -11.52 17.08
CA PRO B 97 3.90 -11.15 17.16
C PRO B 97 3.53 -10.34 15.94
N LEU B 98 4.27 -9.26 15.75
CA LEU B 98 4.08 -8.40 14.62
C LEU B 98 4.12 -9.07 13.25
N LEU B 99 5.08 -9.95 13.04
CA LEU B 99 5.25 -10.55 11.73
C LEU B 99 4.40 -11.74 11.47
N TYR B 100 4.20 -12.54 12.51
CA TYR B 100 3.55 -13.80 12.25
C TYR B 100 2.32 -14.32 12.99
N LEU B 101 1.99 -13.70 14.09
CA LEU B 101 0.91 -14.23 14.89
C LEU B 101 -0.44 -13.68 14.49
N LYS B 102 -1.26 -14.56 13.89
CA LYS B 102 -2.54 -14.13 13.35
C LYS B 102 -3.56 -13.57 14.33
N GLY B 103 -3.41 -13.91 15.62
CA GLY B 103 -4.33 -13.39 16.66
C GLY B 103 -3.97 -11.91 16.84
N PHE B 104 -2.68 -11.62 16.82
CA PHE B 104 -2.25 -10.22 16.92
C PHE B 104 -2.79 -9.34 15.77
N HIS B 105 -2.57 -9.84 14.55
CA HIS B 105 -3.00 -9.20 13.28
C HIS B 105 -4.49 -8.94 13.36
N ALA B 106 -5.23 -9.93 13.86
CA ALA B 106 -6.68 -9.80 13.98
C ALA B 106 -7.05 -8.65 14.89
N ILE B 107 -6.46 -8.60 16.08
CA ILE B 107 -6.82 -7.53 17.00
C ILE B 107 -6.51 -6.20 16.38
N GLN B 108 -5.34 -6.04 15.72
CA GLN B 108 -4.99 -4.75 15.16
C GLN B 108 -5.91 -4.38 14.00
N SER B 109 -6.25 -5.38 13.22
CA SER B 109 -7.16 -5.16 12.10
C SER B 109 -8.51 -4.74 12.62
N TYR B 110 -8.96 -5.37 13.70
CA TYR B 110 -10.24 -4.97 14.29
C TYR B 110 -10.21 -3.47 14.67
N ARG B 111 -9.17 -3.04 15.35
CA ARG B 111 -9.07 -1.63 15.74
C ARG B 111 -9.36 -0.75 14.51
N ILE B 112 -8.90 -1.13 13.31
CA ILE B 112 -9.20 -0.34 12.11
C ILE B 112 -10.71 -0.38 11.78
N THR B 113 -11.35 -1.56 11.86
CA THR B 113 -12.77 -1.62 11.59
C THR B 113 -13.58 -0.82 12.64
N HIS B 114 -13.10 -0.83 13.87
CA HIS B 114 -13.77 -0.12 14.99
C HIS B 114 -13.76 1.38 14.66
N TYR B 115 -12.64 1.85 14.12
CA TYR B 115 -12.52 3.25 13.74
C TYR B 115 -13.51 3.56 12.58
N LEU B 116 -13.49 2.73 11.53
CA LEU B 116 -14.41 2.97 10.40
C LEU B 116 -15.87 2.91 10.82
N TRP B 117 -16.17 2.02 11.76
CA TRP B 117 -17.57 1.87 12.21
C TRP B 117 -18.16 3.19 12.66
N ASN B 118 -17.32 4.01 13.25
CA ASN B 118 -17.89 5.27 13.68
C ASN B 118 -17.49 6.45 12.81
N GLN B 119 -16.98 6.14 11.62
CA GLN B 119 -16.68 7.19 10.66
C GLN B 119 -17.82 7.16 9.62
N ASN B 120 -18.93 6.49 9.93
CA ASN B 120 -20.04 6.42 8.94
C ASN B 120 -19.66 5.49 7.76
N ARG B 121 -18.79 4.53 8.03
CA ARG B 121 -18.35 3.59 6.98
C ARG B 121 -18.60 2.15 7.41
N LYS B 122 -19.86 1.90 7.78
CA LYS B 122 -20.21 0.59 8.26
C LYS B 122 -20.14 -0.52 7.19
N SER B 123 -20.49 -0.19 5.94
CA SER B 123 -20.34 -1.17 4.89
C SER B 123 -18.86 -1.61 4.80
N LEU B 124 -17.94 -0.65 4.84
CA LEU B 124 -16.53 -1.05 4.76
C LEU B 124 -16.08 -1.78 5.99
N ALA B 125 -16.63 -1.38 7.11
CA ALA B 125 -16.24 -2.06 8.34
C ALA B 125 -16.72 -3.52 8.32
N LEU B 126 -17.90 -3.77 7.75
CA LEU B 126 -18.42 -5.15 7.69
C LEU B 126 -17.62 -5.95 6.68
N TYR B 127 -17.30 -5.30 5.58
CA TYR B 127 -16.46 -5.92 4.52
C TYR B 127 -15.15 -6.42 5.21
N LEU B 128 -14.49 -5.56 5.98
CA LEU B 128 -13.27 -5.95 6.65
C LEU B 128 -13.47 -6.94 7.78
N GLN B 129 -14.57 -6.85 8.52
CA GLN B 129 -14.85 -7.78 9.60
C GLN B 129 -14.75 -9.19 9.00
N ASN B 130 -15.32 -9.35 7.79
CA ASN B 130 -15.31 -10.61 7.10
C ASN B 130 -13.87 -10.92 6.59
N GLN B 131 -13.18 -9.94 6.04
CA GLN B 131 -11.82 -10.14 5.59
C GLN B 131 -10.96 -10.64 6.72
N ILE B 132 -11.25 -10.19 7.94
CA ILE B 132 -10.49 -10.58 9.13
C ILE B 132 -10.81 -12.00 9.57
N SER B 133 -12.08 -12.36 9.53
CA SER B 133 -12.49 -13.71 9.89
C SER B 133 -11.90 -14.72 8.90
N VAL B 134 -11.81 -14.33 7.64
CA VAL B 134 -11.26 -15.18 6.63
C VAL B 134 -9.75 -15.25 6.66
N ALA B 135 -9.09 -14.11 6.86
CA ALA B 135 -7.62 -14.10 6.90
C ALA B 135 -6.95 -14.65 8.12
N PHE B 136 -7.56 -14.43 9.28
CA PHE B 136 -7.00 -14.87 10.53
C PHE B 136 -7.91 -15.81 11.32
N ASP B 137 -9.11 -16.07 10.79
CA ASP B 137 -10.01 -16.98 11.48
C ASP B 137 -10.58 -16.43 12.78
N VAL B 138 -10.62 -15.11 12.87
CA VAL B 138 -11.11 -14.42 14.08
C VAL B 138 -12.26 -13.49 13.68
N ASP B 139 -13.36 -13.55 14.40
CA ASP B 139 -14.52 -12.76 14.03
C ASP B 139 -14.79 -11.86 15.22
N ILE B 140 -14.53 -10.56 15.02
CA ILE B 140 -14.73 -9.49 16.06
C ILE B 140 -15.61 -8.46 15.43
N HIS B 141 -16.78 -8.24 16.02
CA HIS B 141 -17.68 -7.24 15.50
C HIS B 141 -17.02 -5.90 15.66
N PRO B 142 -17.12 -5.02 14.67
CA PRO B 142 -16.49 -3.68 14.78
C PRO B 142 -16.85 -2.77 15.95
N ALA B 143 -18.08 -2.94 16.45
CA ALA B 143 -18.62 -2.18 17.59
C ALA B 143 -18.15 -2.73 18.92
N ALA B 144 -17.40 -3.83 18.90
CA ALA B 144 -16.86 -4.36 20.16
C ALA B 144 -15.81 -3.35 20.68
N LYS B 145 -15.63 -3.33 22.01
CA LYS B 145 -14.62 -2.48 22.65
C LYS B 145 -13.50 -3.30 23.28
N ILE B 146 -12.31 -3.11 22.77
CA ILE B 146 -11.13 -3.81 23.25
C ILE B 146 -9.98 -2.93 23.72
N GLY B 147 -9.47 -3.19 24.92
CA GLY B 147 -8.38 -2.40 25.49
C GLY B 147 -7.05 -2.79 24.87
N HIS B 148 -5.94 -2.53 25.56
CA HIS B 148 -4.58 -2.83 25.08
C HIS B 148 -3.89 -3.84 25.99
N GLY B 149 -2.76 -4.38 25.54
CA GLY B 149 -2.03 -5.35 26.32
C GLY B 149 -2.89 -6.60 26.27
N ILE B 150 -3.39 -6.89 25.06
CA ILE B 150 -4.26 -8.04 24.83
C ILE B 150 -3.54 -9.10 24.01
N MET B 151 -3.68 -10.36 24.42
CA MET B 151 -3.12 -11.51 23.71
C MET B 151 -4.24 -12.49 23.29
N PHE B 152 -4.26 -12.85 21.99
CA PHE B 152 -5.16 -13.84 21.35
C PHE B 152 -4.16 -14.91 20.84
N ASP B 153 -3.76 -15.81 21.72
CA ASP B 153 -2.78 -16.81 21.36
C ASP B 153 -3.48 -17.85 20.47
N HIS B 154 -2.81 -18.17 19.35
CA HIS B 154 -3.27 -19.19 18.38
C HIS B 154 -4.44 -18.62 17.63
N ALA B 155 -5.45 -18.19 18.38
CA ALA B 155 -6.61 -17.49 17.89
C ALA B 155 -7.66 -18.09 17.01
N THR B 156 -7.34 -19.16 16.29
CA THR B 156 -8.34 -19.75 15.41
C THR B 156 -9.67 -19.92 16.14
N GLY B 157 -10.77 -19.45 15.58
CA GLY B 157 -12.04 -19.68 16.23
C GLY B 157 -12.58 -18.65 17.22
N ILE B 158 -11.78 -17.64 17.54
CA ILE B 158 -12.27 -16.65 18.43
C ILE B 158 -13.40 -15.81 17.80
N VAL B 159 -14.46 -15.61 18.58
CA VAL B 159 -15.62 -14.81 18.20
C VAL B 159 -15.87 -13.81 19.33
N VAL B 160 -16.04 -12.56 18.98
CA VAL B 160 -16.33 -11.49 19.97
C VAL B 160 -17.45 -10.70 19.31
N GLY B 161 -18.62 -10.69 19.94
CA GLY B 161 -19.81 -10.01 19.39
C GLY B 161 -19.94 -8.52 19.65
N GLU B 162 -20.92 -7.93 19.00
CA GLU B 162 -21.17 -6.50 19.02
C GLU B 162 -21.03 -5.68 20.30
N THR B 163 -21.65 -6.14 21.39
CA THR B 163 -21.63 -5.34 22.61
C THR B 163 -20.61 -5.79 23.59
N SER B 164 -19.68 -6.63 23.12
CA SER B 164 -18.65 -7.16 24.01
C SER B 164 -17.70 -6.07 24.51
N VAL B 165 -17.20 -6.19 25.74
CA VAL B 165 -16.20 -5.24 26.17
C VAL B 165 -15.05 -6.08 26.72
N ILE B 166 -13.82 -5.69 26.40
CA ILE B 166 -12.63 -6.37 26.88
C ILE B 166 -11.67 -5.28 27.41
N GLU B 167 -11.36 -5.32 28.69
CA GLU B 167 -10.46 -4.34 29.23
C GLU B 167 -8.98 -4.68 29.00
N ASN B 168 -8.09 -3.88 29.55
CA ASN B 168 -6.68 -4.10 29.36
C ASN B 168 -6.19 -5.39 29.97
N ASP B 169 -5.04 -5.80 29.48
CA ASP B 169 -4.34 -6.99 29.93
C ASP B 169 -5.20 -8.23 30.07
N VAL B 170 -5.86 -8.65 29.00
CA VAL B 170 -6.64 -9.90 29.05
C VAL B 170 -5.94 -10.91 28.13
N SER B 171 -5.89 -12.20 28.49
CA SER B 171 -5.29 -13.23 27.63
C SER B 171 -6.45 -14.16 27.21
N ILE B 172 -6.56 -14.37 25.89
CA ILE B 172 -7.64 -15.19 25.31
C ILE B 172 -7.01 -16.20 24.35
N LEU B 173 -7.44 -17.46 24.46
CA LEU B 173 -6.93 -18.49 23.60
C LEU B 173 -7.94 -18.89 22.50
N GLN B 174 -7.44 -19.71 21.59
CA GLN B 174 -8.23 -20.21 20.47
C GLN B 174 -9.57 -20.77 20.92
N GLY B 175 -10.58 -20.66 20.02
CA GLY B 175 -11.88 -21.23 20.28
C GLY B 175 -12.79 -20.48 21.24
N VAL B 176 -12.28 -19.37 21.74
CA VAL B 176 -13.08 -18.64 22.67
C VAL B 176 -14.17 -17.77 22.03
N THR B 177 -15.37 -17.80 22.63
CA THR B 177 -16.48 -16.96 22.17
C THR B 177 -16.95 -16.04 23.29
N LEU B 178 -17.17 -14.77 22.95
CA LEU B 178 -17.76 -13.74 23.85
C LEU B 178 -18.96 -13.50 22.95
N GLY B 179 -19.98 -14.28 23.24
CA GLY B 179 -21.19 -14.31 22.46
C GLY B 179 -22.47 -13.70 23.05
N GLY B 180 -23.39 -13.36 22.15
CA GLY B 180 -24.68 -12.76 22.56
C GLY B 180 -25.74 -13.81 22.80
N THR B 181 -26.90 -13.37 23.20
CA THR B 181 -27.95 -14.31 23.46
C THR B 181 -29.14 -13.43 23.05
N GLY B 182 -30.24 -14.07 22.68
CA GLY B 182 -31.44 -13.35 22.30
C GLY B 182 -31.48 -12.94 20.85
N LYS B 183 -32.64 -12.49 20.39
CA LYS B 183 -32.77 -12.04 19.03
C LYS B 183 -32.94 -10.51 18.97
N GLU B 184 -32.65 -9.82 20.06
CA GLU B 184 -32.82 -8.37 20.08
C GLU B 184 -31.51 -7.65 20.23
N SER B 185 -31.46 -6.40 19.74
CA SER B 185 -30.23 -5.59 19.88
C SER B 185 -30.15 -5.20 21.37
N GLY B 186 -29.08 -4.47 21.73
CA GLY B 186 -28.86 -4.05 23.09
C GLY B 186 -27.77 -4.85 23.76
N ASP B 187 -27.33 -4.38 24.93
CA ASP B 187 -26.26 -5.02 25.67
C ASP B 187 -26.61 -6.50 25.90
N ARG B 188 -25.79 -7.37 25.31
CA ARG B 188 -26.06 -8.78 25.38
C ARG B 188 -24.82 -9.66 25.24
N HIS B 189 -23.64 -9.04 25.41
CA HIS B 189 -22.37 -9.70 25.28
C HIS B 189 -21.57 -9.48 26.53
N PRO B 190 -20.58 -10.33 26.77
CA PRO B 190 -19.74 -10.22 27.96
C PRO B 190 -18.88 -8.99 28.21
N LYS B 191 -18.63 -8.71 29.48
CA LYS B 191 -17.77 -7.56 29.81
C LYS B 191 -16.64 -8.19 30.57
N VAL B 192 -15.50 -8.32 29.91
CA VAL B 192 -14.36 -8.95 30.52
C VAL B 192 -13.33 -7.91 31.04
N ARG B 193 -13.25 -7.80 32.36
CA ARG B 193 -12.36 -6.87 33.01
C ARG B 193 -10.89 -7.31 33.04
N GLU B 194 -10.00 -6.34 33.27
CA GLU B 194 -8.56 -6.64 33.28
C GLU B 194 -8.04 -7.84 34.06
N GLY B 195 -6.97 -8.40 33.50
CA GLY B 195 -6.27 -9.53 34.07
C GLY B 195 -6.95 -10.89 33.92
N VAL B 196 -8.10 -10.91 33.30
CA VAL B 196 -8.82 -12.17 33.10
C VAL B 196 -8.10 -13.03 32.03
N MET B 197 -8.00 -14.32 32.28
CA MET B 197 -7.43 -15.16 31.25
C MET B 197 -8.54 -16.17 30.92
N ILE B 198 -8.77 -16.41 29.62
CA ILE B 198 -9.82 -17.35 29.21
C ILE B 198 -9.21 -18.53 28.43
N GLY B 199 -9.34 -19.71 29.00
CA GLY B 199 -8.80 -20.92 28.39
C GLY B 199 -9.40 -21.29 27.06
N ALA B 200 -8.68 -22.09 26.30
CA ALA B 200 -9.12 -22.50 24.99
C ALA B 200 -10.55 -23.05 24.93
N GLY B 201 -11.32 -22.60 23.96
CA GLY B 201 -12.64 -23.19 23.80
C GLY B 201 -13.80 -22.70 24.65
N ALA B 202 -13.46 -21.90 25.67
CA ALA B 202 -14.49 -21.37 26.56
C ALA B 202 -15.46 -20.47 25.78
N LYS B 203 -16.75 -20.61 26.15
CA LYS B 203 -17.87 -19.86 25.60
C LYS B 203 -18.52 -18.99 26.75
N ILE B 204 -18.44 -17.66 26.64
CA ILE B 204 -19.05 -16.77 27.64
C ILE B 204 -20.22 -16.10 26.86
N LEU B 205 -21.45 -16.28 27.37
CA LEU B 205 -22.62 -15.84 26.67
C LEU B 205 -23.55 -14.96 27.47
N GLY B 206 -24.02 -13.89 26.81
CA GLY B 206 -24.92 -12.92 27.40
C GLY B 206 -24.22 -11.72 28.02
N ASN B 207 -25.02 -10.77 28.46
CA ASN B 207 -24.51 -9.55 29.08
C ASN B 207 -24.08 -9.79 30.53
N ILE B 208 -22.93 -10.43 30.69
CA ILE B 208 -22.48 -10.77 32.01
C ILE B 208 -21.05 -10.30 32.28
N GLU B 209 -20.81 -9.88 33.51
CA GLU B 209 -19.49 -9.43 33.95
C GLU B 209 -18.54 -10.56 34.31
N VAL B 210 -17.36 -10.55 33.73
CA VAL B 210 -16.34 -11.53 34.04
C VAL B 210 -15.35 -10.71 34.88
N GLY B 211 -15.48 -10.88 36.19
CA GLY B 211 -14.69 -10.16 37.18
C GLY B 211 -13.22 -9.96 36.87
N LYS B 212 -12.67 -8.82 37.28
CA LYS B 212 -11.27 -8.55 37.04
C LYS B 212 -10.49 -9.67 37.69
N TYR B 213 -9.35 -10.03 37.09
CA TYR B 213 -8.44 -11.06 37.54
C TYR B 213 -8.98 -12.48 37.61
N ALA B 214 -10.15 -12.70 37.01
CA ALA B 214 -10.76 -14.01 37.01
C ALA B 214 -10.07 -14.99 36.03
N LYS B 215 -10.32 -16.28 36.21
CA LYS B 215 -9.70 -17.27 35.36
C LYS B 215 -10.79 -18.23 34.81
N ILE B 216 -10.92 -18.27 33.49
CA ILE B 216 -11.94 -19.09 32.88
C ILE B 216 -11.34 -20.35 32.35
N GLY B 217 -11.78 -21.48 32.89
CA GLY B 217 -11.23 -22.74 32.45
C GLY B 217 -11.49 -23.11 31.00
N ALA B 218 -10.59 -23.88 30.37
CA ALA B 218 -10.84 -24.26 29.00
C ALA B 218 -12.19 -25.03 28.80
N ASN B 219 -12.85 -24.75 27.69
CA ASN B 219 -14.12 -25.38 27.31
C ASN B 219 -15.26 -25.12 28.29
N SER B 220 -15.15 -24.08 29.11
CA SER B 220 -16.27 -23.84 30.01
C SER B 220 -17.33 -23.06 29.31
N VAL B 221 -18.51 -23.03 29.90
CA VAL B 221 -19.61 -22.28 29.36
C VAL B 221 -20.11 -21.38 30.46
N VAL B 222 -19.76 -20.10 30.35
CA VAL B 222 -20.13 -19.15 31.35
C VAL B 222 -21.41 -18.42 31.02
N LEU B 223 -22.40 -18.52 31.89
CA LEU B 223 -23.70 -17.89 31.64
C LEU B 223 -24.17 -16.97 32.75
N ASN B 224 -23.41 -16.93 33.85
CA ASN B 224 -23.71 -16.09 34.99
C ASN B 224 -22.45 -15.32 35.32
N PRO B 225 -22.58 -14.18 36.01
CA PRO B 225 -21.43 -13.34 36.39
C PRO B 225 -20.34 -14.11 37.14
N VAL B 226 -19.10 -13.69 36.99
CA VAL B 226 -17.97 -14.36 37.64
C VAL B 226 -17.29 -13.35 38.50
N PRO B 227 -17.13 -13.69 39.78
CA PRO B 227 -16.49 -12.77 40.71
C PRO B 227 -15.02 -12.49 40.46
N GLU B 228 -14.60 -11.30 40.85
CA GLU B 228 -13.20 -10.98 40.72
C GLU B 228 -12.35 -12.06 41.41
N TYR B 229 -11.20 -12.36 40.82
CA TYR B 229 -10.24 -13.36 41.31
C TYR B 229 -10.76 -14.79 41.39
N ALA B 230 -11.97 -15.03 40.85
CA ALA B 230 -12.60 -16.35 40.86
C ALA B 230 -12.25 -17.19 39.64
N THR B 231 -12.41 -18.49 39.78
CA THR B 231 -12.11 -19.41 38.70
C THR B 231 -13.37 -20.16 38.43
N ALA B 232 -13.86 -20.03 37.20
CA ALA B 232 -15.08 -20.67 36.73
C ALA B 232 -14.71 -21.79 35.78
N ALA B 233 -15.34 -22.94 35.93
CA ALA B 233 -15.06 -24.09 35.07
C ALA B 233 -16.30 -25.05 35.01
N GLY B 234 -16.47 -25.69 33.86
CA GLY B 234 -17.57 -26.63 33.67
C GLY B 234 -18.57 -26.17 32.63
N VAL B 235 -19.47 -27.10 32.27
CA VAL B 235 -20.51 -26.87 31.31
C VAL B 235 -21.82 -27.33 31.97
N PRO B 236 -22.57 -26.38 32.54
CA PRO B 236 -22.31 -24.92 32.59
C PRO B 236 -21.18 -24.65 33.62
N ALA B 237 -20.58 -23.48 33.53
CA ALA B 237 -19.47 -23.08 34.42
C ALA B 237 -20.01 -22.83 35.84
N ARG B 238 -19.19 -23.16 36.84
CA ARG B 238 -19.46 -22.98 38.28
C ARG B 238 -18.18 -22.33 38.87
N ILE B 239 -18.37 -21.52 39.90
CA ILE B 239 -17.22 -20.93 40.56
C ILE B 239 -16.61 -22.01 41.42
N VAL B 240 -15.48 -22.57 41.00
CA VAL B 240 -14.86 -23.64 41.74
C VAL B 240 -13.82 -23.25 42.77
N SER B 241 -13.19 -22.10 42.55
CA SER B 241 -12.14 -21.67 43.43
C SER B 241 -11.87 -20.21 43.27
N GLN B 242 -11.11 -19.67 44.22
CA GLN B 242 -10.77 -18.26 44.19
C GLN B 242 -9.38 -18.01 44.73
N ASP B 243 -8.62 -17.18 44.03
CA ASP B 243 -7.26 -16.82 44.43
C ASP B 243 -7.21 -15.31 44.32
N LYS B 244 -6.84 -14.65 45.41
CA LYS B 244 -6.82 -13.20 45.34
C LYS B 244 -5.42 -12.70 45.09
N ALA B 245 -4.48 -13.61 44.89
CA ALA B 245 -3.11 -13.25 44.64
C ALA B 245 -2.82 -13.32 43.14
N ALA B 246 -3.35 -14.37 42.52
CA ALA B 246 -3.13 -14.64 41.12
C ALA B 246 -3.41 -13.47 40.18
N LYS B 247 -2.82 -13.58 39.01
CA LYS B 247 -2.97 -12.61 37.96
C LYS B 247 -3.05 -13.51 36.71
N PRO B 248 -4.24 -14.11 36.52
CA PRO B 248 -4.53 -15.03 35.39
C PRO B 248 -4.02 -14.61 34.00
N ALA B 249 -4.22 -13.37 33.60
CA ALA B 249 -3.77 -12.96 32.27
C ALA B 249 -2.24 -13.06 32.11
N PHE B 250 -1.50 -12.84 33.21
CA PHE B 250 -0.03 -12.90 33.18
C PHE B 250 0.56 -14.26 33.51
N ASP B 251 -0.04 -14.98 34.47
CA ASP B 251 0.40 -16.32 34.91
C ASP B 251 0.15 -17.38 33.81
N MET B 252 -1.04 -17.32 33.18
CA MET B 252 -1.42 -18.23 32.10
C MET B 252 -1.47 -19.66 32.62
N ASN B 253 -1.87 -19.75 33.89
CA ASN B 253 -1.99 -21.02 34.56
C ASN B 253 -3.35 -21.58 34.12
N GLN B 254 -3.29 -22.69 33.39
CA GLN B 254 -4.45 -23.35 32.78
C GLN B 254 -5.15 -24.41 33.64
N TYR B 255 -4.45 -24.90 34.65
CA TYR B 255 -4.99 -25.92 35.55
C TYR B 255 -6.16 -25.36 36.44
N PHE B 256 -7.10 -26.25 36.74
CA PHE B 256 -8.28 -25.96 37.55
C PHE B 256 -8.93 -27.27 38.05
N ILE B 257 -9.77 -27.15 39.07
CA ILE B 257 -10.44 -28.32 39.63
C ILE B 257 -11.94 -28.26 39.37
MG MG C . 3.84 -5.69 -24.60
N CYS D . -3.48 10.28 -32.15
CA CYS D . -3.28 11.04 -33.42
C CYS D . -4.67 11.44 -33.96
O CYS D . -5.70 11.02 -33.39
CB CYS D . -2.53 10.14 -34.44
SG CYS D . -3.35 8.53 -34.78
OXT CYS D . -4.70 12.14 -34.99
N CYS E . 1.61 -20.56 23.52
CA CYS E . 1.42 -21.17 24.88
C CYS E . 2.67 -21.92 25.29
O CYS E . 2.69 -22.41 26.45
CB CYS E . 0.21 -22.11 24.88
SG CYS E . 0.25 -23.43 23.61
OXT CYS E . 3.59 -22.06 24.44
MG MG F . -9.13 -20.04 7.51
#